data_3CE4
#
_entry.id   3CE4
#
_cell.length_a   67.403
_cell.length_b   67.505
_cell.length_c   88.826
_cell.angle_alpha   90.00
_cell.angle_beta   90.00
_cell.angle_gamma   90.00
#
_symmetry.space_group_name_H-M   'P 21 21 21'
#
loop_
_entity.id
_entity.type
_entity.pdbx_description
1 polymer 'Macrophage migration inhibitory factor'
2 non-polymer 'SULFATE ION'
3 non-polymer 'phenylmethylsulfonyl fluoride'
4 non-polymer GLYCEROL
5 non-polymer 'ISOPROPYL ALCOHOL'
6 water water
#
_entity_poly.entity_id   1
_entity_poly.type   'polypeptide(L)'
_entity_poly.pdbx_seq_one_letter_code
;PMFIVNTNVPRASVPDGFLSELTQQLAQATGKPPQYIAVHVVPDQLMAFGGSSEPCALCSLHSIGKIGGAQNRSYSKLLC
GLLAERLRISPDRVYINYYDMNAANVGWNNSTFA
;
_entity_poly.pdbx_strand_id   A,B,C
#
loop_
_chem_comp.id
_chem_comp.type
_chem_comp.name
_chem_comp.formula
GOL non-polymer GLYCEROL 'C3 H8 O3'
IPA non-polymer 'ISOPROPYL ALCOHOL' 'C3 H8 O'
PMF non-polymer 'phenylmethylsulfonyl fluoride' 'C7 H7 F O2 S'
SO4 non-polymer 'SULFATE ION' 'O4 S -2'
#
# COMPACT_ATOMS: atom_id res chain seq x y z
N PRO A 1 14.90 -0.35 5.48
CA PRO A 1 13.96 0.28 4.55
C PRO A 1 13.22 -0.81 3.79
N MET A 2 12.17 -0.44 3.06
CA MET A 2 11.43 -1.41 2.29
C MET A 2 10.98 -0.78 1.00
N PHE A 3 11.04 -1.58 -0.05
CA PHE A 3 10.66 -1.13 -1.38
C PHE A 3 9.60 -2.06 -1.98
N ILE A 4 8.54 -1.49 -2.54
CA ILE A 4 7.46 -2.26 -3.15
C ILE A 4 7.26 -1.73 -4.56
N VAL A 5 7.14 -2.64 -5.53
CA VAL A 5 6.74 -2.28 -6.87
C VAL A 5 5.52 -3.10 -7.29
N ASN A 6 4.47 -2.39 -7.66
CA ASN A 6 3.27 -3.00 -8.25
C ASN A 6 3.30 -2.65 -9.75
N THR A 7 3.08 -3.65 -10.61
CA THR A 7 3.15 -3.43 -12.05
C THR A 7 2.18 -4.36 -12.80
N ASN A 8 1.77 -3.91 -13.98
CA ASN A 8 0.98 -4.71 -14.91
C ASN A 8 1.84 -5.68 -15.73
N VAL A 9 3.14 -5.57 -15.61
CA VAL A 9 4.05 -6.48 -16.29
C VAL A 9 3.78 -7.91 -15.73
N PRO A 10 3.69 -8.91 -16.63
CA PRO A 10 3.40 -10.28 -16.19
C PRO A 10 4.53 -10.94 -15.43
N ARG A 11 4.18 -11.86 -14.52
CA ARG A 11 5.17 -12.53 -13.70
C ARG A 11 6.31 -13.13 -14.51
N ALA A 12 6.00 -13.72 -15.67
CA ALA A 12 7.04 -14.38 -16.50
C ALA A 12 8.08 -13.41 -17.04
N SER A 13 7.75 -12.11 -17.08
CA SER A 13 8.65 -11.09 -17.59
C SER A 13 9.55 -10.48 -16.50
N VAL A 14 9.35 -10.91 -15.26
CA VAL A 14 10.23 -10.52 -14.15
C VAL A 14 11.41 -11.49 -14.13
N PRO A 15 12.63 -10.98 -14.38
CA PRO A 15 13.74 -11.91 -14.56
C PRO A 15 14.23 -12.50 -13.25
N ASP A 16 14.84 -13.68 -13.34
CA ASP A 16 15.55 -14.23 -12.20
C ASP A 16 16.53 -13.18 -11.70
N GLY A 17 16.61 -13.05 -10.40
CA GLY A 17 17.59 -12.16 -9.76
C GLY A 17 17.05 -10.78 -9.44
N PHE A 18 15.80 -10.51 -9.84
CA PHE A 18 15.28 -9.14 -9.73
C PHE A 18 15.23 -8.69 -8.26
N LEU A 19 14.65 -9.50 -7.36
CA LEU A 19 14.58 -9.10 -5.95
C LEU A 19 15.98 -8.96 -5.34
N SER A 20 16.90 -9.86 -5.76
CA SER A 20 18.27 -9.77 -5.29
C SER A 20 18.95 -8.47 -5.75
N GLU A 21 18.68 -8.06 -6.98
CA GLU A 21 19.29 -6.85 -7.52
C GLU A 21 18.75 -5.63 -6.81
N LEU A 22 17.44 -5.60 -6.60
CA LEU A 22 16.85 -4.52 -5.80
C LEU A 22 17.44 -4.46 -4.39
N THR A 23 17.59 -5.61 -3.75
CA THR A 23 18.17 -5.68 -2.41
C THR A 23 19.56 -5.06 -2.37
N GLN A 24 20.42 -5.52 -3.27
CA GLN A 24 21.82 -5.05 -3.31
C GLN A 24 21.88 -3.56 -3.66
N GLN A 25 21.16 -3.17 -4.70
CA GLN A 25 21.21 -1.78 -5.14
C GLN A 25 20.61 -0.80 -4.12
N LEU A 26 19.54 -1.19 -3.46
CA LEU A 26 18.99 -0.34 -2.42
C LEU A 26 19.88 -0.24 -1.19
N ALA A 27 20.56 -1.33 -0.81
CA ALA A 27 21.53 -1.28 0.29
C ALA A 27 22.58 -0.24 -0.04
N GLN A 28 23.09 -0.33 -1.26
CA GLN A 28 24.15 0.59 -1.69
C GLN A 28 23.62 2.02 -1.71
N ALA A 29 22.43 2.21 -2.28
CA ALA A 29 21.86 3.55 -2.43
C ALA A 29 21.52 4.23 -1.09
N THR A 30 20.93 3.47 -0.16
CA THR A 30 20.46 4.03 1.11
C THR A 30 21.52 4.01 2.23
N GLY A 31 22.58 3.23 2.03
CA GLY A 31 23.55 3.00 3.10
C GLY A 31 23.00 2.19 4.28
N LYS A 32 21.82 1.55 4.13
CA LYS A 32 21.31 0.58 5.10
C LYS A 32 22.01 -0.77 4.80
N PRO A 33 22.54 -1.48 5.82
CA PRO A 33 23.00 -2.83 5.52
C PRO A 33 21.95 -3.72 4.85
N PRO A 34 22.42 -4.60 3.96
CA PRO A 34 21.48 -5.41 3.18
C PRO A 34 20.55 -6.28 4.02
N GLN A 35 21.00 -6.66 5.21
CA GLN A 35 20.20 -7.48 6.13
C GLN A 35 18.85 -6.84 6.44
N TYR A 36 18.78 -5.51 6.35
CA TYR A 36 17.56 -4.78 6.69
C TYR A 36 16.59 -4.62 5.53
N ILE A 37 17.08 -4.77 4.30
CA ILE A 37 16.27 -4.34 3.13
C ILE A 37 15.14 -5.34 2.89
N ALA A 38 13.89 -4.87 2.87
CA ALA A 38 12.74 -5.69 2.39
C ALA A 38 12.35 -5.23 0.99
N VAL A 39 12.09 -6.18 0.09
CA VAL A 39 11.66 -5.87 -1.26
C VAL A 39 10.44 -6.73 -1.61
N HIS A 40 9.56 -6.18 -2.43
CA HIS A 40 8.27 -6.82 -2.70
C HIS A 40 7.86 -6.42 -4.12
N VAL A 41 7.66 -7.41 -4.97
CA VAL A 41 7.27 -7.18 -6.37
C VAL A 41 5.92 -7.84 -6.63
N VAL A 42 5.00 -7.08 -7.23
CA VAL A 42 3.63 -7.52 -7.42
C VAL A 42 3.31 -7.36 -8.92
N PRO A 43 3.53 -8.43 -9.71
CA PRO A 43 3.23 -8.37 -11.15
C PRO A 43 1.75 -8.64 -11.47
N ASP A 44 1.43 -8.58 -12.75
CA ASP A 44 0.12 -8.99 -13.25
C ASP A 44 -1.04 -8.13 -12.76
N GLN A 45 -0.73 -6.89 -12.40
CA GLN A 45 -1.76 -6.00 -11.85
C GLN A 45 -2.63 -5.34 -12.91
N LEU A 46 -3.87 -5.07 -12.50
CA LEU A 46 -4.81 -4.32 -13.32
C LEU A 46 -4.63 -2.85 -13.02
N MET A 47 -3.82 -2.18 -13.82
CA MET A 47 -3.52 -0.77 -13.58
C MET A 47 -3.41 -0.02 -14.90
N ALA A 48 -3.59 1.29 -14.84
CA ALA A 48 -3.38 2.17 -15.99
C ALA A 48 -2.64 3.42 -15.54
N PHE A 49 -1.98 4.06 -16.49
CA PHE A 49 -1.22 5.27 -16.25
C PHE A 49 -1.59 6.15 -17.43
N GLY A 50 -2.23 7.30 -17.16
CA GLY A 50 -2.69 8.18 -18.22
C GLY A 50 -3.72 7.52 -19.12
N GLY A 51 -4.52 6.60 -18.55
CA GLY A 51 -5.56 5.89 -19.32
C GLY A 51 -5.05 4.79 -20.25
N SER A 52 -3.75 4.54 -20.23
CA SER A 52 -3.12 3.51 -21.05
C SER A 52 -2.72 2.32 -20.21
N SER A 53 -2.91 1.13 -20.75
CA SER A 53 -2.50 -0.08 -20.03
C SER A 53 -1.16 -0.63 -20.52
N GLU A 54 -0.38 0.20 -21.24
CA GLU A 54 0.99 -0.14 -21.52
C GLU A 54 1.77 -0.28 -20.17
N PRO A 55 2.93 -0.94 -20.19
CA PRO A 55 3.60 -1.20 -18.92
C PRO A 55 3.79 0.05 -18.09
N CYS A 56 3.47 -0.07 -16.81
CA CYS A 56 3.67 1.01 -15.84
C CYS A 56 3.95 0.41 -14.49
N ALA A 57 4.34 1.25 -13.53
CA ALA A 57 4.57 0.77 -12.17
C ALA A 57 4.23 1.82 -11.14
N LEU A 58 3.66 1.35 -10.02
CA LEU A 58 3.41 2.20 -8.84
C LEU A 58 4.22 1.61 -7.70
N CYS A 59 5.14 2.41 -7.16
CA CYS A 59 6.11 1.91 -6.18
C CYS A 59 6.11 2.73 -4.92
N SER A 60 6.73 2.18 -3.88
CA SER A 60 6.98 2.97 -2.68
C SER A 60 8.33 2.60 -2.08
N LEU A 61 8.97 3.60 -1.47
CA LEU A 61 10.17 3.34 -0.66
C LEU A 61 9.93 4.00 0.71
N HIS A 62 9.96 3.18 1.76
CA HIS A 62 9.90 3.67 3.13
C HIS A 62 11.28 3.49 3.74
N SER A 63 11.72 4.51 4.46
CA SER A 63 12.99 4.42 5.19
C SER A 63 12.90 5.28 6.44
N ILE A 64 13.71 4.93 7.43
CA ILE A 64 13.93 5.79 8.58
C ILE A 64 15.14 6.62 8.22
N GLY A 65 14.91 7.89 7.88
CA GLY A 65 15.95 8.73 7.32
C GLY A 65 16.36 8.35 5.92
N LYS A 66 17.41 9.02 5.42
CA LYS A 66 17.90 8.79 4.06
C LYS A 66 16.85 9.14 2.99
N ILE A 67 15.96 10.08 3.32
CA ILE A 67 14.88 10.51 2.43
C ILE A 67 14.96 12.03 2.35
N GLY A 68 14.97 12.56 1.13
CA GLY A 68 15.16 14.01 0.96
C GLY A 68 15.20 14.37 -0.50
N GLY A 69 15.26 15.67 -0.80
CA GLY A 69 15.18 16.13 -2.18
C GLY A 69 16.19 15.45 -3.10
N ALA A 70 17.48 15.62 -2.81
CA ALA A 70 18.52 15.10 -3.70
C ALA A 70 18.55 13.57 -3.64
N GLN A 71 18.39 13.02 -2.43
CA GLN A 71 18.44 11.56 -2.25
C GLN A 71 17.31 10.92 -3.04
N ASN A 72 16.11 11.48 -2.94
CA ASN A 72 14.96 10.90 -3.69
C ASN A 72 15.13 10.99 -5.21
N ARG A 73 15.74 12.08 -5.69
CA ARG A 73 16.09 12.19 -7.09
C ARG A 73 17.01 11.05 -7.48
N SER A 74 17.96 10.75 -6.60
CA SER A 74 18.93 9.68 -6.89
C SER A 74 18.27 8.30 -6.89
N TYR A 75 17.45 8.06 -5.88
CA TYR A 75 16.70 6.80 -5.84
C TYR A 75 15.83 6.65 -7.10
N SER A 76 15.20 7.74 -7.54
CA SER A 76 14.27 7.62 -8.65
C SER A 76 15.02 7.27 -9.97
N LYS A 77 16.20 7.86 -10.16
CA LYS A 77 17.06 7.53 -11.30
C LYS A 77 17.47 6.05 -11.26
N LEU A 78 17.89 5.59 -10.09
CA LEU A 78 18.30 4.19 -9.91
C LEU A 78 17.14 3.24 -10.20
N LEU A 79 16.03 3.49 -9.55
CA LEU A 79 14.88 2.58 -9.62
C LEU A 79 14.17 2.62 -10.99
N CYS A 80 13.94 3.81 -11.55
CA CYS A 80 13.43 3.87 -12.92
C CYS A 80 14.38 3.15 -13.91
N GLY A 81 15.69 3.31 -13.68
CA GLY A 81 16.70 2.62 -14.46
C GLY A 81 16.51 1.12 -14.44
N LEU A 82 16.37 0.57 -13.25
CA LEU A 82 16.16 -0.87 -13.08
C LEU A 82 14.85 -1.33 -13.72
N LEU A 83 13.78 -0.60 -13.49
CA LEU A 83 12.47 -0.97 -14.08
C LEU A 83 12.48 -0.93 -15.62
N ALA A 84 13.18 0.06 -16.19
CA ALA A 84 13.31 0.17 -17.65
C ALA A 84 14.10 -1.02 -18.21
N GLU A 85 15.28 -1.25 -17.65
CA GLU A 85 16.16 -2.31 -18.14
C GLU A 85 15.60 -3.73 -17.91
N ARG A 86 15.04 -3.95 -16.71
CA ARG A 86 14.58 -5.29 -16.30
C ARG A 86 13.16 -5.59 -16.69
N LEU A 87 12.26 -4.62 -16.55
CA LEU A 87 10.84 -4.86 -16.81
C LEU A 87 10.34 -4.15 -18.06
N ARG A 88 11.22 -3.38 -18.73
CA ARG A 88 10.86 -2.65 -19.94
C ARG A 88 9.74 -1.63 -19.71
N ILE A 89 9.76 -1.00 -18.55
CA ILE A 89 8.79 0.03 -18.20
C ILE A 89 9.41 1.40 -18.46
N SER A 90 8.72 2.23 -19.23
CA SER A 90 9.21 3.58 -19.48
C SER A 90 9.25 4.37 -18.16
N PRO A 91 10.36 5.07 -17.87
CA PRO A 91 10.42 5.89 -16.67
C PRO A 91 9.27 6.87 -16.48
N ASP A 92 8.70 7.38 -17.58
CA ASP A 92 7.60 8.35 -17.42
C ASP A 92 6.25 7.69 -17.16
N ARG A 93 6.28 6.36 -17.01
CA ARG A 93 5.10 5.58 -16.57
C ARG A 93 5.33 4.88 -15.21
N VAL A 94 6.17 5.50 -14.38
CA VAL A 94 6.48 5.03 -13.04
C VAL A 94 6.23 6.18 -12.05
N TYR A 95 5.49 5.89 -10.98
CA TYR A 95 5.46 6.75 -9.80
C TYR A 95 6.07 5.99 -8.62
N ILE A 96 6.83 6.72 -7.79
CA ILE A 96 7.42 6.17 -6.57
C ILE A 96 7.06 7.08 -5.41
N ASN A 97 6.27 6.60 -4.44
CA ASN A 97 6.03 7.40 -3.22
C ASN A 97 7.17 7.14 -2.21
N TYR A 98 7.79 8.23 -1.77
CA TYR A 98 8.81 8.15 -0.69
C TYR A 98 8.21 8.55 0.67
N TYR A 99 8.57 7.78 1.70
CA TYR A 99 8.11 8.02 3.05
C TYR A 99 9.29 8.03 4.01
N ASP A 100 9.53 9.16 4.66
CA ASP A 100 10.46 9.25 5.78
C ASP A 100 9.72 8.90 7.04
N MET A 101 9.89 7.66 7.49
CA MET A 101 9.14 7.15 8.64
C MET A 101 9.88 7.51 9.91
N ASN A 102 9.12 7.92 10.93
CA ASN A 102 9.69 8.10 12.27
C ASN A 102 9.95 6.70 12.84
N ALA A 103 11.06 6.56 13.55
CA ALA A 103 11.40 5.27 14.17
C ALA A 103 10.28 4.71 15.04
N ALA A 104 9.52 5.57 15.71
CA ALA A 104 8.44 5.12 16.61
C ALA A 104 7.31 4.47 15.81
N ASN A 105 7.26 4.77 14.51
CA ASN A 105 6.17 4.34 13.62
C ASN A 105 6.54 3.18 12.72
N VAL A 106 7.65 2.50 13.04
CA VAL A 106 8.03 1.33 12.31
C VAL A 106 8.23 0.16 13.26
N GLY A 107 7.34 -0.82 13.15
CA GLY A 107 7.39 -2.02 13.97
C GLY A 107 8.32 -3.09 13.37
N TRP A 108 8.94 -3.86 14.24
CA TRP A 108 9.87 -4.90 13.85
C TRP A 108 10.19 -5.70 15.11
N ASN A 109 10.27 -7.01 14.97
CA ASN A 109 10.74 -7.87 16.04
C ASN A 109 10.09 -7.56 17.39
N ASN A 110 8.77 -7.57 17.40
CA ASN A 110 7.97 -7.44 18.62
C ASN A 110 7.98 -6.05 19.26
N SER A 111 8.56 -5.08 18.56
CA SER A 111 8.72 -3.74 19.09
C SER A 111 8.78 -2.73 17.93
N THR A 112 9.35 -1.56 18.17
CA THR A 112 9.58 -0.61 17.08
C THR A 112 11.05 -0.19 17.09
N PHE A 113 11.42 0.65 16.13
CA PHE A 113 12.78 1.18 16.10
C PHE A 113 13.04 2.34 17.08
N ALA A 114 12.01 2.83 17.77
CA ALA A 114 12.20 3.99 18.65
C ALA A 114 13.17 3.69 19.77
N PRO B 1 -1.67 12.32 -9.85
CA PRO B 1 -2.18 11.65 -8.66
C PRO B 1 -2.35 10.16 -8.95
N MET B 2 -2.59 9.35 -7.92
CA MET B 2 -2.79 7.94 -8.13
C MET B 2 -3.84 7.40 -7.18
N PHE B 3 -4.68 6.53 -7.70
CA PHE B 3 -5.77 5.94 -6.93
C PHE B 3 -5.66 4.44 -6.98
N ILE B 4 -5.78 3.79 -5.80
CA ILE B 4 -5.70 2.34 -5.65
C ILE B 4 -6.94 1.86 -4.93
N VAL B 5 -7.57 0.83 -5.47
CA VAL B 5 -8.69 0.17 -4.80
C VAL B 5 -8.35 -1.30 -4.61
N ASN B 6 -8.37 -1.76 -3.36
CA ASN B 6 -8.25 -3.18 -3.02
C ASN B 6 -9.62 -3.66 -2.57
N THR B 7 -10.11 -4.76 -3.16
CA THR B 7 -11.47 -5.23 -2.84
C THR B 7 -11.57 -6.76 -2.91
N ASN B 8 -12.51 -7.29 -2.13
CA ASN B 8 -12.84 -8.72 -2.16
C ASN B 8 -13.84 -9.05 -3.29
N VAL B 9 -14.42 -8.03 -3.93
CA VAL B 9 -15.17 -8.25 -5.17
C VAL B 9 -14.35 -9.06 -6.21
N PRO B 10 -14.98 -10.07 -6.85
CA PRO B 10 -14.24 -10.87 -7.84
C PRO B 10 -13.90 -10.10 -9.12
N ARG B 11 -12.82 -10.53 -9.77
CA ARG B 11 -12.36 -9.84 -10.98
C ARG B 11 -13.45 -9.77 -12.06
N ALA B 12 -14.26 -10.82 -12.20
CA ALA B 12 -15.30 -10.81 -13.24
C ALA B 12 -16.36 -9.74 -13.02
N SER B 13 -16.49 -9.26 -11.77
CA SER B 13 -17.47 -8.22 -11.42
C SER B 13 -16.95 -6.80 -11.61
N VAL B 14 -15.67 -6.65 -11.98
CA VAL B 14 -15.13 -5.33 -12.33
C VAL B 14 -15.45 -5.05 -13.80
N PRO B 15 -16.27 -4.01 -14.08
CA PRO B 15 -16.62 -3.72 -15.48
C PRO B 15 -15.41 -3.36 -16.34
N ASP B 16 -15.42 -3.75 -17.60
CA ASP B 16 -14.30 -3.51 -18.54
C ASP B 16 -13.78 -2.05 -18.59
N GLY B 17 -14.69 -1.09 -18.55
CA GLY B 17 -14.31 0.32 -18.62
C GLY B 17 -14.00 1.00 -17.30
N PHE B 18 -13.87 0.22 -16.23
CA PHE B 18 -13.75 0.78 -14.89
C PHE B 18 -12.48 1.60 -14.72
N LEU B 19 -11.34 1.10 -15.21
CA LEU B 19 -10.09 1.88 -15.05
C LEU B 19 -10.17 3.22 -15.80
N SER B 20 -10.78 3.19 -16.97
CA SER B 20 -10.97 4.38 -17.81
C SER B 20 -11.91 5.38 -17.15
N GLU B 21 -12.98 4.87 -16.54
CA GLU B 21 -13.92 5.75 -15.83
C GLU B 21 -13.26 6.40 -14.64
N LEU B 22 -12.52 5.62 -13.86
CA LEU B 22 -11.80 6.18 -12.72
C LEU B 22 -10.85 7.28 -13.18
N THR B 23 -10.13 7.00 -14.26
CA THR B 23 -9.16 7.95 -14.80
C THR B 23 -9.83 9.28 -15.16
N GLN B 24 -10.91 9.20 -15.94
CA GLN B 24 -11.63 10.40 -16.38
C GLN B 24 -12.24 11.15 -15.20
N GLN B 25 -12.88 10.42 -14.28
CA GLN B 25 -13.55 11.04 -13.13
C GLN B 25 -12.55 11.69 -12.18
N LEU B 26 -11.42 11.05 -11.97
CA LEU B 26 -10.37 11.62 -11.14
C LEU B 26 -9.69 12.83 -11.78
N ALA B 27 -9.50 12.80 -13.09
CA ALA B 27 -8.94 13.95 -13.79
C ALA B 27 -9.86 15.14 -13.59
N GLN B 28 -11.16 14.93 -13.80
CA GLN B 28 -12.14 15.98 -13.57
C GLN B 28 -12.13 16.46 -12.12
N ALA B 29 -12.16 15.50 -11.18
CA ALA B 29 -12.27 15.83 -9.76
C ALA B 29 -11.06 16.56 -9.20
N THR B 30 -9.85 16.14 -9.61
CA THR B 30 -8.61 16.72 -9.09
C THR B 30 -8.12 17.92 -9.89
N GLY B 31 -8.62 18.07 -11.11
CA GLY B 31 -8.12 19.10 -12.02
C GLY B 31 -6.75 18.81 -12.61
N LYS B 32 -6.23 17.61 -12.35
CA LYS B 32 -4.94 17.17 -12.94
C LYS B 32 -5.21 16.69 -14.37
N PRO B 33 -4.26 16.89 -15.28
CA PRO B 33 -4.47 16.36 -16.64
C PRO B 33 -4.59 14.82 -16.64
N PRO B 34 -5.43 14.27 -17.51
CA PRO B 34 -5.63 12.81 -17.51
C PRO B 34 -4.34 12.01 -17.73
N GLN B 35 -3.36 12.61 -18.40
CA GLN B 35 -2.10 11.96 -18.71
C GLN B 35 -1.35 11.54 -17.44
N TYR B 36 -1.61 12.23 -16.31
CA TYR B 36 -0.91 11.99 -15.04
C TYR B 36 -1.63 11.00 -14.14
N ILE B 37 -2.89 10.70 -14.45
CA ILE B 37 -3.66 9.90 -13.51
C ILE B 37 -3.23 8.43 -13.56
N ALA B 38 -2.87 7.84 -12.41
CA ALA B 38 -2.60 6.40 -12.31
C ALA B 38 -3.73 5.75 -11.50
N VAL B 39 -4.22 4.61 -11.96
CA VAL B 39 -5.30 3.89 -11.28
C VAL B 39 -4.95 2.40 -11.23
N HIS B 40 -5.35 1.76 -10.13
CA HIS B 40 -4.91 0.41 -9.84
C HIS B 40 -6.04 -0.27 -9.09
N VAL B 41 -6.54 -1.37 -9.63
CA VAL B 41 -7.67 -2.10 -9.02
C VAL B 41 -7.23 -3.50 -8.71
N VAL B 42 -7.48 -3.96 -7.48
CA VAL B 42 -6.99 -5.24 -7.00
C VAL B 42 -8.17 -6.02 -6.45
N PRO B 43 -8.80 -6.84 -7.30
CA PRO B 43 -9.96 -7.62 -6.86
C PRO B 43 -9.53 -8.94 -6.24
N ASP B 44 -10.51 -9.72 -5.80
CA ASP B 44 -10.30 -11.08 -5.29
C ASP B 44 -9.51 -11.14 -3.97
N GLN B 45 -9.51 -10.03 -3.25
CA GLN B 45 -8.76 -9.96 -2.00
C GLN B 45 -9.41 -10.62 -0.80
N LEU B 46 -8.54 -11.14 0.10
CA LEU B 46 -8.97 -11.73 1.36
C LEU B 46 -9.03 -10.61 2.39
N MET B 47 -10.25 -10.05 2.57
CA MET B 47 -10.40 -8.92 3.51
C MET B 47 -11.72 -9.00 4.24
N ALA B 48 -11.81 -8.27 5.34
CA ALA B 48 -13.04 -8.18 6.11
C ALA B 48 -13.16 -6.75 6.65
N PHE B 49 -14.40 -6.34 6.87
CA PHE B 49 -14.71 -5.01 7.37
C PHE B 49 -15.75 -5.26 8.46
N GLY B 50 -15.41 -4.89 9.70
CA GLY B 50 -16.32 -5.15 10.84
C GLY B 50 -16.55 -6.63 11.10
N GLY B 51 -15.59 -7.47 10.71
CA GLY B 51 -15.69 -8.92 10.89
C GLY B 51 -16.44 -9.67 9.80
N SER B 52 -16.98 -8.92 8.85
CA SER B 52 -17.76 -9.50 7.74
C SER B 52 -16.99 -9.52 6.43
N SER B 53 -17.21 -10.59 5.65
CA SER B 53 -16.57 -10.74 4.34
C SER B 53 -17.49 -10.31 3.18
N GLU B 54 -18.57 -9.59 3.49
CA GLU B 54 -19.37 -8.97 2.44
C GLU B 54 -18.53 -7.98 1.65
N PRO B 55 -18.98 -7.59 0.45
CA PRO B 55 -18.13 -6.70 -0.32
C PRO B 55 -17.66 -5.46 0.44
N CYS B 56 -16.39 -5.14 0.28
CA CYS B 56 -15.78 -3.96 0.91
C CYS B 56 -14.60 -3.53 0.08
N ALA B 57 -14.04 -2.37 0.43
CA ALA B 57 -12.88 -1.85 -0.30
C ALA B 57 -12.02 -0.99 0.60
N LEU B 58 -10.71 -1.13 0.40
CA LEU B 58 -9.68 -0.31 1.05
C LEU B 58 -8.92 0.40 -0.06
N CYS B 59 -8.97 1.74 -0.03
CA CYS B 59 -8.47 2.55 -1.15
C CYS B 59 -7.52 3.61 -0.66
N SER B 60 -6.79 4.18 -1.62
CA SER B 60 -5.95 5.34 -1.35
C SER B 60 -5.95 6.28 -2.54
N LEU B 61 -5.89 7.58 -2.25
CA LEU B 61 -5.63 8.62 -3.23
C LEU B 61 -4.43 9.42 -2.77
N HIS B 62 -3.36 9.40 -3.56
CA HIS B 62 -2.20 10.25 -3.33
C HIS B 62 -2.23 11.36 -4.36
N SER B 63 -1.97 12.59 -3.93
CA SER B 63 -1.89 13.72 -4.87
C SER B 63 -0.88 14.71 -4.36
N ILE B 64 -0.29 15.48 -5.28
CA ILE B 64 0.52 16.62 -4.87
C ILE B 64 -0.46 17.79 -4.85
N GLY B 65 -0.87 18.19 -3.65
CA GLY B 65 -1.92 19.19 -3.49
C GLY B 65 -3.30 18.63 -3.85
N LYS B 66 -4.30 19.49 -3.79
CA LYS B 66 -5.67 19.11 -4.09
C LYS B 66 -6.20 18.10 -3.08
N ILE B 67 -5.65 18.14 -1.86
CA ILE B 67 -6.09 17.31 -0.75
C ILE B 67 -6.44 18.25 0.41
N GLY B 68 -7.62 18.06 1.01
CA GLY B 68 -8.08 18.92 2.08
C GLY B 68 -9.44 18.51 2.57
N GLY B 69 -9.90 19.12 3.66
CA GLY B 69 -11.16 18.75 4.29
C GLY B 69 -12.36 18.66 3.36
N ALA B 70 -12.70 19.77 2.72
CA ALA B 70 -13.83 19.79 1.78
C ALA B 70 -13.57 18.95 0.54
N GLN B 71 -12.35 19.04 -0.01
CA GLN B 71 -12.02 18.27 -1.20
C GLN B 71 -12.14 16.77 -0.95
N ASN B 72 -11.62 16.32 0.18
CA ASN B 72 -11.66 14.89 0.51
C ASN B 72 -13.10 14.40 0.73
N ARG B 73 -13.94 15.28 1.28
CA ARG B 73 -15.36 14.95 1.40
C ARG B 73 -15.96 14.72 0.02
N SER B 74 -15.62 15.62 -0.92
CA SER B 74 -16.10 15.53 -2.28
C SER B 74 -15.56 14.29 -2.98
N TYR B 75 -14.27 14.00 -2.81
CA TYR B 75 -13.71 12.79 -3.40
C TYR B 75 -14.38 11.52 -2.87
N SER B 76 -14.69 11.53 -1.57
CA SER B 76 -15.27 10.35 -0.92
C SER B 76 -16.67 10.08 -1.48
N LYS B 77 -17.44 11.14 -1.71
CA LYS B 77 -18.77 10.98 -2.31
C LYS B 77 -18.65 10.44 -3.73
N LEU B 78 -17.73 11.00 -4.51
CA LEU B 78 -17.51 10.55 -5.89
C LEU B 78 -17.09 9.08 -5.94
N LEU B 79 -16.09 8.74 -5.15
CA LEU B 79 -15.47 7.42 -5.24
C LEU B 79 -16.37 6.33 -4.63
N CYS B 80 -17.00 6.62 -3.49
CA CYS B 80 -17.97 5.68 -2.93
C CYS B 80 -19.11 5.48 -3.92
N GLY B 81 -19.53 6.57 -4.52
CA GLY B 81 -20.56 6.51 -5.57
C GLY B 81 -20.19 5.50 -6.65
N LEU B 82 -18.96 5.60 -7.16
CA LEU B 82 -18.52 4.71 -8.25
C LEU B 82 -18.39 3.26 -7.78
N LEU B 83 -17.85 3.05 -6.58
CA LEU B 83 -17.69 1.71 -6.05
C LEU B 83 -19.06 1.06 -5.83
N ALA B 84 -20.03 1.85 -5.38
CA ALA B 84 -21.39 1.35 -5.16
C ALA B 84 -22.04 1.00 -6.50
N GLU B 85 -21.98 1.93 -7.45
CA GLU B 85 -22.61 1.73 -8.77
C GLU B 85 -21.96 0.59 -9.56
N ARG B 86 -20.62 0.61 -9.64
CA ARG B 86 -19.89 -0.31 -10.52
C ARG B 86 -19.53 -1.66 -9.88
N LEU B 87 -19.16 -1.65 -8.61
CA LEU B 87 -18.76 -2.88 -7.90
C LEU B 87 -19.77 -3.39 -6.85
N ARG B 88 -20.86 -2.65 -6.67
CA ARG B 88 -21.92 -2.99 -5.72
C ARG B 88 -21.43 -3.08 -4.26
N ILE B 89 -20.52 -2.19 -3.89
CA ILE B 89 -19.97 -2.10 -2.53
C ILE B 89 -20.66 -0.96 -1.77
N SER B 90 -21.22 -1.28 -0.61
CA SER B 90 -21.86 -0.29 0.24
C SER B 90 -20.84 0.77 0.65
N PRO B 91 -21.19 2.06 0.55
CA PRO B 91 -20.27 3.11 1.02
C PRO B 91 -19.75 2.99 2.46
N ASP B 92 -20.56 2.40 3.34
CA ASP B 92 -20.14 2.22 4.73
C ASP B 92 -19.22 1.02 4.92
N ARG B 93 -18.85 0.37 3.82
CA ARG B 93 -17.82 -0.66 3.83
C ARG B 93 -16.61 -0.29 2.99
N VAL B 94 -16.37 1.03 2.85
CA VAL B 94 -15.24 1.55 2.09
C VAL B 94 -14.43 2.49 2.97
N TYR B 95 -13.12 2.31 2.95
CA TYR B 95 -12.20 3.30 3.52
C TYR B 95 -11.31 3.83 2.41
N ILE B 96 -11.05 5.13 2.44
CA ILE B 96 -10.13 5.78 1.48
C ILE B 96 -9.11 6.59 2.27
N ASN B 97 -7.83 6.24 2.17
CA ASN B 97 -6.77 7.01 2.79
C ASN B 97 -6.31 8.07 1.81
N TYR B 98 -6.33 9.34 2.24
CA TYR B 98 -5.89 10.46 1.42
C TYR B 98 -4.49 10.89 1.86
N TYR B 99 -3.60 11.12 0.90
CA TYR B 99 -2.23 11.54 1.18
C TYR B 99 -1.87 12.77 0.35
N ASP B 100 -1.52 13.87 1.03
CA ASP B 100 -1.06 15.08 0.37
C ASP B 100 0.45 14.96 0.34
N MET B 101 0.97 14.54 -0.81
CA MET B 101 2.39 14.27 -0.97
C MET B 101 3.19 15.54 -1.32
N ASN B 102 4.35 15.68 -0.69
CA ASN B 102 5.27 16.69 -1.15
C ASN B 102 5.88 16.34 -2.50
N ALA B 103 6.04 17.34 -3.37
CA ALA B 103 6.63 17.07 -4.69
C ALA B 103 7.98 16.36 -4.60
N ALA B 104 8.78 16.68 -3.59
CA ALA B 104 10.10 16.06 -3.41
C ALA B 104 10.02 14.59 -3.05
N ASN B 105 8.84 14.13 -2.61
CA ASN B 105 8.65 12.75 -2.19
C ASN B 105 7.85 11.92 -3.17
N VAL B 106 7.75 12.41 -4.41
CA VAL B 106 7.13 11.66 -5.51
C VAL B 106 8.10 11.56 -6.68
N GLY B 107 8.54 10.33 -6.95
CA GLY B 107 9.45 10.01 -8.01
C GLY B 107 8.66 9.73 -9.29
N TRP B 108 9.25 10.10 -10.42
CA TRP B 108 8.62 9.99 -11.71
C TRP B 108 9.72 10.32 -12.72
N ASN B 109 9.83 9.51 -13.77
CA ASN B 109 10.66 9.85 -14.91
C ASN B 109 12.13 10.19 -14.53
N ASN B 110 12.74 9.27 -13.76
CA ASN B 110 14.15 9.35 -13.36
C ASN B 110 14.47 10.44 -12.33
N SER B 111 13.44 11.09 -11.82
CA SER B 111 13.64 12.21 -10.89
C SER B 111 12.44 12.30 -9.96
N THR B 112 12.19 13.48 -9.40
CA THR B 112 10.98 13.70 -8.59
C THR B 112 10.25 14.92 -9.13
N PHE B 113 9.12 15.27 -8.53
CA PHE B 113 8.36 16.44 -8.99
C PHE B 113 8.90 17.76 -8.40
N ALA B 114 9.89 17.68 -7.50
CA ALA B 114 10.44 18.87 -6.85
C ALA B 114 11.03 19.85 -7.86
N PRO C 1 -9.95 1.67 12.17
CA PRO C 1 -8.56 1.46 11.76
C PRO C 1 -8.51 0.37 10.71
N MET C 2 -7.38 0.21 10.04
CA MET C 2 -7.24 -0.84 9.04
C MET C 2 -5.87 -1.42 9.13
N PHE C 3 -5.82 -2.75 9.04
CA PHE C 3 -4.59 -3.49 9.11
C PHE C 3 -4.41 -4.32 7.84
N ILE C 4 -3.24 -4.22 7.22
CA ILE C 4 -2.91 -4.98 6.01
C ILE C 4 -1.64 -5.77 6.27
N VAL C 5 -1.63 -7.04 5.86
CA VAL C 5 -0.42 -7.85 5.89
C VAL C 5 -0.17 -8.48 4.55
N ASN C 6 1.00 -8.20 3.97
CA ASN C 6 1.47 -8.85 2.75
C ASN C 6 2.55 -9.84 3.15
N THR C 7 2.46 -11.05 2.62
CA THR C 7 3.40 -12.10 3.02
C THR C 7 3.62 -13.11 1.89
N ASN C 8 4.76 -13.75 1.94
CA ASN C 8 5.12 -14.78 0.99
C ASN C 8 4.63 -16.16 1.46
N VAL C 9 4.05 -16.23 2.64
CA VAL C 9 3.44 -17.46 3.12
C VAL C 9 2.25 -17.81 2.20
N PRO C 10 2.12 -19.09 1.82
CA PRO C 10 1.06 -19.43 0.86
C PRO C 10 -0.33 -19.40 1.45
N ARG C 11 -1.32 -19.21 0.58
CA ARG C 11 -2.71 -19.08 1.03
C ARG C 11 -3.13 -20.23 1.92
N ALA C 12 -2.75 -21.46 1.54
CA ALA C 12 -3.20 -22.64 2.28
C ALA C 12 -2.72 -22.64 3.74
N SER C 13 -1.65 -21.88 4.01
CA SER C 13 -1.07 -21.81 5.33
C SER C 13 -1.69 -20.73 6.23
N VAL C 14 -2.64 -19.97 5.69
CA VAL C 14 -3.41 -19.00 6.48
C VAL C 14 -4.59 -19.73 7.10
N PRO C 15 -4.62 -19.82 8.45
CA PRO C 15 -5.66 -20.67 9.03
C PRO C 15 -7.04 -20.04 8.94
N ASP C 16 -8.07 -20.87 8.90
CA ASP C 16 -9.42 -20.39 9.10
C ASP C 16 -9.49 -19.54 10.37
N GLY C 17 -10.19 -18.44 10.31
CA GLY C 17 -10.38 -17.58 11.47
C GLY C 17 -9.35 -16.50 11.64
N PHE C 18 -8.37 -16.45 10.75
CA PHE C 18 -7.26 -15.51 10.91
C PHE C 18 -7.75 -14.05 10.85
N LEU C 19 -8.52 -13.71 9.83
CA LEU C 19 -9.07 -12.34 9.75
C LEU C 19 -9.97 -12.02 10.94
N SER C 20 -10.75 -12.98 11.42
CA SER C 20 -11.57 -12.74 12.60
C SER C 20 -10.74 -12.49 13.85
N GLU C 21 -9.65 -13.23 13.99
CA GLU C 21 -8.76 -13.07 15.14
C GLU C 21 -8.10 -11.70 15.06
N LEU C 22 -7.62 -11.32 13.87
CA LEU C 22 -7.05 -9.98 13.73
C LEU C 22 -8.07 -8.90 14.07
N THR C 23 -9.30 -9.07 13.58
CA THR C 23 -10.37 -8.11 13.89
C THR C 23 -10.57 -7.96 15.42
N GLN C 24 -10.74 -9.09 16.09
CA GLN C 24 -11.01 -9.11 17.52
C GLN C 24 -9.85 -8.52 18.32
N GLN C 25 -8.64 -8.96 18.01
CA GLN C 25 -7.46 -8.54 18.75
C GLN C 25 -7.15 -7.07 18.50
N LEU C 26 -7.39 -6.60 17.27
CA LEU C 26 -7.16 -5.18 16.95
C LEU C 26 -8.21 -4.30 17.61
N ALA C 27 -9.45 -4.78 17.71
CA ALA C 27 -10.46 -4.07 18.49
C ALA C 27 -10.01 -3.89 19.95
N GLN C 28 -9.54 -4.99 20.55
CA GLN C 28 -9.07 -4.99 21.91
C GLN C 28 -7.90 -4.03 22.09
N ALA C 29 -6.94 -4.10 21.18
CA ALA C 29 -5.68 -3.36 21.29
C ALA C 29 -5.84 -1.86 21.03
N THR C 30 -6.55 -1.51 19.95
CA THR C 30 -6.74 -0.10 19.55
C THR C 30 -7.89 0.57 20.29
N GLY C 31 -8.81 -0.23 20.84
CA GLY C 31 -10.00 0.28 21.50
C GLY C 31 -11.14 0.63 20.56
N LYS C 32 -10.88 0.57 19.24
CA LYS C 32 -11.85 0.98 18.24
C LYS C 32 -12.98 -0.06 18.23
N PRO C 33 -14.22 0.37 17.95
CA PRO C 33 -15.31 -0.60 17.91
C PRO C 33 -15.04 -1.67 16.83
N PRO C 34 -15.31 -2.96 17.12
CA PRO C 34 -15.11 -4.01 16.10
C PRO C 34 -15.73 -3.70 14.73
N GLN C 35 -16.88 -3.03 14.71
CA GLN C 35 -17.58 -2.73 13.44
C GLN C 35 -16.77 -1.89 12.46
N TYR C 36 -15.77 -1.19 12.97
CA TYR C 36 -14.95 -0.30 12.16
C TYR C 36 -13.64 -0.93 11.73
N ILE C 37 -13.30 -2.09 12.29
CA ILE C 37 -11.98 -2.67 12.00
C ILE C 37 -11.98 -3.29 10.61
N ALA C 38 -11.07 -2.83 9.73
CA ALA C 38 -10.84 -3.51 8.46
C ALA C 38 -9.53 -4.25 8.46
N VAL C 39 -9.53 -5.44 7.86
CA VAL C 39 -8.37 -6.29 7.85
C VAL C 39 -8.20 -6.92 6.47
N HIS C 40 -6.94 -7.06 6.04
CA HIS C 40 -6.64 -7.47 4.67
C HIS C 40 -5.35 -8.29 4.68
N VAL C 41 -5.43 -9.52 4.20
CA VAL C 41 -4.29 -10.43 4.18
C VAL C 41 -3.99 -10.81 2.74
N VAL C 42 -2.71 -10.66 2.36
CA VAL C 42 -2.27 -10.91 1.00
C VAL C 42 -1.15 -11.95 0.97
N PRO C 43 -1.52 -13.22 0.78
CA PRO C 43 -0.50 -14.25 0.77
C PRO C 43 0.15 -14.44 -0.60
N ASP C 44 1.08 -15.39 -0.68
CA ASP C 44 1.68 -15.84 -1.94
C ASP C 44 2.47 -14.75 -2.65
N GLN C 45 2.93 -13.76 -1.88
CA GLN C 45 3.67 -12.64 -2.44
C GLN C 45 5.13 -12.95 -2.74
N LEU C 46 5.65 -12.27 -3.77
CA LEU C 46 7.03 -12.36 -4.19
C LEU C 46 7.80 -11.30 -3.41
N MET C 47 8.43 -11.76 -2.35
CA MET C 47 9.11 -10.82 -1.48
C MET C 47 10.36 -11.40 -0.87
N ALA C 48 11.22 -10.52 -0.40
CA ALA C 48 12.45 -10.94 0.28
C ALA C 48 12.75 -9.96 1.40
N PHE C 49 13.46 -10.45 2.39
CA PHE C 49 13.80 -9.65 3.55
C PHE C 49 15.26 -10.00 3.86
N GLY C 50 16.14 -8.99 3.79
CA GLY C 50 17.58 -9.26 3.92
C GLY C 50 18.15 -10.17 2.83
N GLY C 51 17.53 -10.18 1.65
CA GLY C 51 17.99 -11.02 0.53
C GLY C 51 17.50 -12.46 0.54
N SER C 52 16.74 -12.82 1.59
CA SER C 52 16.21 -14.18 1.80
C SER C 52 14.72 -14.24 1.53
N SER C 53 14.27 -15.34 0.90
CA SER C 53 12.84 -15.58 0.68
C SER C 53 12.20 -16.49 1.73
N GLU C 54 12.84 -16.68 2.89
CA GLU C 54 12.16 -17.34 4.00
C GLU C 54 10.96 -16.51 4.41
N PRO C 55 10.01 -17.12 5.11
CA PRO C 55 8.80 -16.36 5.44
C PRO C 55 9.06 -14.99 6.04
N CYS C 56 8.34 -14.01 5.53
CA CYS C 56 8.43 -12.65 6.04
C CYS C 56 7.08 -11.94 5.81
N ALA C 57 6.94 -10.73 6.35
CA ALA C 57 5.74 -9.94 6.14
C ALA C 57 6.03 -8.46 6.16
N LEU C 58 5.27 -7.75 5.35
CA LEU C 58 5.25 -6.29 5.35
C LEU C 58 3.81 -5.88 5.61
N CYS C 59 3.63 -5.08 6.66
CA CYS C 59 2.30 -4.78 7.15
C CYS C 59 2.13 -3.29 7.34
N SER C 60 0.88 -2.90 7.53
CA SER C 60 0.57 -1.51 7.88
C SER C 60 -0.63 -1.47 8.80
N LEU C 61 -0.59 -0.52 9.72
CA LEU C 61 -1.76 -0.22 10.54
C LEU C 61 -2.00 1.29 10.41
N HIS C 62 -3.18 1.63 9.89
CA HIS C 62 -3.68 3.00 9.85
C HIS C 62 -4.77 3.16 10.93
N SER C 63 -4.68 4.25 11.69
CA SER C 63 -5.70 4.56 12.68
C SER C 63 -5.83 6.08 12.80
N ILE C 64 -7.02 6.53 13.18
CA ILE C 64 -7.21 7.92 13.56
C ILE C 64 -6.93 7.98 15.06
N GLY C 65 -5.75 8.47 15.41
CA GLY C 65 -5.30 8.42 16.79
C GLY C 65 -4.92 7.00 17.20
N LYS C 66 -4.61 6.84 18.48
CA LYS C 66 -4.20 5.56 19.06
C LYS C 66 -2.90 5.04 18.45
N ILE C 67 -2.07 5.97 17.97
CA ILE C 67 -0.74 5.69 17.40
C ILE C 67 0.26 6.50 18.24
N GLY C 68 1.32 5.86 18.70
CA GLY C 68 2.37 6.55 19.46
C GLY C 68 3.44 5.58 19.89
N GLY C 69 4.41 6.06 20.65
CA GLY C 69 5.59 5.24 20.94
C GLY C 69 5.26 3.93 21.64
N ALA C 70 4.58 4.04 22.79
CA ALA C 70 4.23 2.89 23.63
C ALA C 70 3.16 2.05 22.93
N GLN C 71 2.18 2.72 22.36
CA GLN C 71 1.08 2.01 21.70
C GLN C 71 1.60 1.16 20.55
N ASN C 72 2.49 1.73 19.74
CA ASN C 72 3.01 0.99 18.58
C ASN C 72 3.90 -0.18 19.02
N ARG C 73 4.64 -0.01 20.10
CA ARG C 73 5.38 -1.14 20.65
C ARG C 73 4.43 -2.28 21.03
N SER C 74 3.31 -1.93 21.64
CA SER C 74 2.31 -2.92 22.04
C SER C 74 1.67 -3.59 20.82
N TYR C 75 1.29 -2.79 19.83
CA TYR C 75 0.75 -3.38 18.57
C TYR C 75 1.74 -4.35 17.92
N SER C 76 3.00 -3.98 17.92
CA SER C 76 4.04 -4.78 17.28
C SER C 76 4.21 -6.13 17.98
N LYS C 77 4.15 -6.13 19.30
CA LYS C 77 4.24 -7.38 20.08
C LYS C 77 3.03 -8.27 19.77
N LEU C 78 1.86 -7.66 19.73
CA LEU C 78 0.62 -8.38 19.42
C LEU C 78 0.66 -8.99 18.02
N LEU C 79 0.96 -8.15 17.02
CA LEU C 79 0.86 -8.55 15.62
C LEU C 79 1.99 -9.50 15.22
N CYS C 80 3.23 -9.23 15.65
CA CYS C 80 4.31 -10.18 15.41
C CYS C 80 3.99 -11.54 16.11
N GLY C 81 3.38 -11.48 17.30
CA GLY C 81 3.00 -12.71 18.01
C GLY C 81 2.03 -13.53 17.17
N LEU C 82 1.02 -12.85 16.63
CA LEU C 82 0.04 -13.54 15.75
C LEU C 82 0.67 -14.09 14.47
N LEU C 83 1.50 -13.29 13.81
CA LEU C 83 2.13 -13.74 12.57
C LEU C 83 3.04 -14.95 12.84
N ALA C 84 3.73 -14.94 13.98
CA ALA C 84 4.57 -16.08 14.37
C ALA C 84 3.76 -17.33 14.64
N GLU C 85 2.73 -17.20 15.48
CA GLU C 85 1.94 -18.36 15.88
C GLU C 85 1.14 -18.93 14.72
N ARG C 86 0.51 -18.05 13.94
CA ARG C 86 -0.45 -18.47 12.92
C ARG C 86 0.18 -18.72 11.56
N LEU C 87 1.14 -17.87 11.20
CA LEU C 87 1.80 -17.99 9.90
C LEU C 87 3.23 -18.49 9.94
N ARG C 88 3.79 -18.70 11.14
CA ARG C 88 5.15 -19.21 11.32
C ARG C 88 6.18 -18.26 10.73
N ILE C 89 5.90 -16.97 10.84
CA ILE C 89 6.84 -15.94 10.41
C ILE C 89 7.62 -15.41 11.61
N SER C 90 8.94 -15.42 11.50
CA SER C 90 9.77 -14.93 12.58
C SER C 90 9.56 -13.43 12.78
N PRO C 91 9.38 -12.97 14.04
CA PRO C 91 9.20 -11.51 14.30
C PRO C 91 10.27 -10.61 13.68
N ASP C 92 11.51 -11.10 13.57
CA ASP C 92 12.58 -10.27 13.02
C ASP C 92 12.60 -10.22 11.48
N ARG C 93 11.54 -10.81 10.88
CA ARG C 93 11.30 -10.74 9.46
C ARG C 93 9.94 -10.09 9.14
N VAL C 94 9.51 -9.22 10.04
CA VAL C 94 8.29 -8.45 9.88
C VAL C 94 8.60 -6.97 10.03
N TYR C 95 8.08 -6.16 9.11
CA TYR C 95 8.02 -4.72 9.28
C TYR C 95 6.55 -4.29 9.29
N ILE C 96 6.21 -3.34 10.15
CA ILE C 96 4.85 -2.77 10.21
C ILE C 96 4.97 -1.26 10.15
N ASN C 97 4.36 -0.65 9.15
CA ASN C 97 4.29 0.80 9.07
C ASN C 97 3.04 1.28 9.79
N TYR C 98 3.23 2.20 10.73
CA TYR C 98 2.13 2.78 11.51
C TYR C 98 1.83 4.20 11.01
N TYR C 99 0.54 4.49 10.80
CA TYR C 99 0.10 5.77 10.29
C TYR C 99 -0.98 6.34 11.19
N ASP C 100 -0.69 7.52 11.74
CA ASP C 100 -1.68 8.30 12.49
C ASP C 100 -2.37 9.20 11.50
N MET C 101 -3.55 8.81 11.06
CA MET C 101 -4.24 9.54 10.00
C MET C 101 -5.08 10.68 10.59
N ASN C 102 -5.06 11.83 9.94
CA ASN C 102 -5.98 12.91 10.25
C ASN C 102 -7.39 12.45 9.82
N ALA C 103 -8.39 12.68 10.67
CA ALA C 103 -9.77 12.29 10.34
C ALA C 103 -10.24 12.86 8.99
N ALA C 104 -9.78 14.07 8.65
CA ALA C 104 -10.15 14.70 7.38
C ALA C 104 -9.55 13.97 6.17
N ASN C 105 -8.56 13.13 6.44
CA ASN C 105 -7.86 12.37 5.40
C ASN C 105 -8.26 10.91 5.32
N VAL C 106 -9.38 10.54 5.96
CA VAL C 106 -9.90 9.17 5.89
C VAL C 106 -11.36 9.26 5.44
N GLY C 107 -11.62 8.76 4.23
CA GLY C 107 -12.96 8.69 3.66
C GLY C 107 -13.68 7.44 4.10
N TRP C 108 -15.00 7.57 4.26
CA TRP C 108 -15.85 6.46 4.65
C TRP C 108 -17.28 6.91 4.44
N ASN C 109 -18.11 6.03 3.91
CA ASN C 109 -19.55 6.31 3.87
C ASN C 109 -19.88 7.68 3.24
N ASN C 110 -19.30 7.95 2.05
CA ASN C 110 -19.59 9.14 1.24
C ASN C 110 -19.04 10.46 1.76
N SER C 111 -18.23 10.39 2.82
CA SER C 111 -17.71 11.59 3.45
C SER C 111 -16.37 11.23 4.09
N THR C 112 -15.94 12.02 5.06
CA THR C 112 -14.77 11.66 5.87
C THR C 112 -15.12 11.62 7.35
N PHE C 113 -14.14 11.24 8.18
CA PHE C 113 -14.35 11.15 9.62
C PHE C 113 -14.24 12.50 10.35
N ALA C 114 -13.84 13.55 9.64
CA ALA C 114 -13.71 14.89 10.23
C ALA C 114 -15.05 15.43 10.73
S SO4 D . 18.88 15.57 0.65
O1 SO4 D . 18.68 16.63 -0.34
O2 SO4 D . 20.32 15.36 0.90
O3 SO4 D . 18.19 15.92 1.90
O4 SO4 D . 18.34 14.29 0.13
S SO4 E . 20.86 17.23 -6.63
O1 SO4 E . 20.35 18.45 -6.00
O2 SO4 E . 21.15 17.49 -8.03
O3 SO4 E . 22.08 16.81 -5.94
O4 SO4 E . 19.87 16.17 -6.53
C3 PMF F . 10.16 -0.28 7.02
C2 PMF F . 11.46 -0.66 7.34
C4 PMF F . 9.82 1.06 7.01
C5 PMF F . 10.77 2.03 7.33
C6 PMF F . 12.08 1.64 7.67
C1 PMF F . 12.41 0.29 7.67
C PMF F . 13.83 -0.15 8.07
O2 PMF F . 14.98 1.96 6.77
O1 PMF F . 16.45 0.11 7.45
S PMF F . 15.11 0.47 6.90
S SO4 G . -10.16 22.20 1.51
O1 SO4 G . -10.52 23.19 0.48
O2 SO4 G . -8.85 22.48 2.10
O3 SO4 G . -11.13 22.22 2.61
O4 SO4 G . -10.16 20.90 0.81
C3 PMF H . 1.75 9.80 -7.16
C2 PMF H . 1.56 10.58 -8.29
C4 PMF H . 1.64 10.34 -5.89
C5 PMF H . 1.35 11.70 -5.75
C6 PMF H . 1.16 12.50 -6.87
C1 PMF H . 1.27 11.95 -8.14
C PMF H . 1.09 12.82 -9.38
O2 PMF H . -0.89 14.31 -8.25
O1 PMF H . -0.66 14.44 -10.69
S PMF H . -0.58 13.53 -9.50
C1 GOL I . -2.55 23.64 -2.34
O1 GOL I . -1.31 23.02 -2.06
C2 GOL I . -3.12 23.11 -3.66
O2 GOL I . -4.11 22.14 -3.39
C3 GOL I . -3.72 24.23 -4.49
O3 GOL I . -4.20 23.75 -5.73
C1 GOL J . -20.31 -6.25 9.93
O1 GOL J . -21.34 -6.25 8.95
C2 GOL J . -20.74 -5.49 11.18
O2 GOL J . -21.00 -4.13 10.89
C3 GOL J . -22.02 -6.11 11.75
O3 GOL J . -22.24 -5.60 13.05
C1 IPA K . 3.93 14.18 -18.89
C2 IPA K . 3.28 12.81 -19.01
C3 IPA K . 2.59 12.43 -17.71
O2 IPA K . 4.26 11.81 -19.30
S SO4 L . 1.90 6.59 23.48
O1 SO4 L . 1.58 5.57 22.46
O2 SO4 L . 3.33 6.49 23.83
O3 SO4 L . 1.65 7.91 22.90
O4 SO4 L . 1.08 6.35 24.68
S SO4 M . 6.57 1.21 27.00
O1 SO4 M . 6.37 0.60 25.69
O2 SO4 M . 7.63 0.48 27.69
O3 SO4 M . 6.92 2.63 26.87
O4 SO4 M . 5.33 1.14 27.78
C3 PMF N . -8.75 3.70 7.76
C2 PMF N . -9.80 3.55 8.68
C4 PMF N . -7.66 4.52 8.07
C5 PMF N . -7.62 5.18 9.30
C6 PMF N . -8.66 5.02 10.21
C1 PMF N . -9.74 4.21 9.90
C PMF N . -10.90 4.06 10.90
O2 PMF N . -9.21 4.06 13.05
O1 PMF N . -11.48 3.18 13.41
S PMF N . -10.33 3.26 12.44
C1 GOL O . -4.52 7.44 22.69
O1 GOL O . -3.68 7.15 23.78
C2 GOL O . -3.96 8.58 21.84
O2 GOL O . -2.73 8.16 21.26
C3 GOL O . -5.00 8.99 20.79
O3 GOL O . -4.45 9.79 19.77
C1 IPA P . -6.02 -24.18 9.86
C2 IPA P . -7.48 -23.84 9.58
C3 IPA P . -8.42 -24.92 10.10
O2 IPA P . -7.65 -23.70 8.20
#